data_2GFD
#
_entry.id   2GFD
#
_cell.length_a   65.490
_cell.length_b   84.570
_cell.length_c   95.580
_cell.angle_alpha   90.00
_cell.angle_beta   90.00
_cell.angle_gamma   90.00
#
_symmetry.space_group_name_H-M   'P 21 21 21'
#
loop_
_entity.id
_entity.type
_entity.pdbx_description
1 polymer Endoplasmin
2 non-polymer 'METHYL 3-CHLORO-2-{3-[(2,5-DIHYDROXY-4-METHOXYPHENYL)AMINO]-3-OXOPROPYL}-4,6-DIHYDROXYBENZOATE'
3 non-polymer 'TETRAETHYLENE GLYCOL'
4 non-polymer 'PENTAETHYLENE GLYCOL'
5 water water
#
_entity_poly.entity_id   1
_entity_poly.type   'polypeptide(L)'
_entity_poly.pdbx_seq_one_letter_code
;GSHMLREKSEKFAFQAEVNRMMKLIINSLYKNKEIFLRELISNASDALDKIRLISLTDENALAGNEELTVKIKCDKEKNL
LHVTDTGVGMTREELVKNLGTIAKSGTSEFLNKMTEAQEDGQSTSELIGQFGVGFYSAFLVADKVIVTSKHNNDTQHIWE
SDSNEFSVIADPRGNTLGRGTTITLVLKEEASDYLELDTIKNLVKKYSQFINFPIYVWSSKTGGGGKTVWDWELMN
;
_entity_poly.pdbx_strand_id   A,B
#
# COMPACT_ATOMS: atom_id res chain seq x y z
N GLU A 10 -12.76 1.78 -15.34
CA GLU A 10 -13.15 2.52 -14.11
C GLU A 10 -12.24 2.27 -12.90
N LYS A 11 -11.62 1.10 -12.84
CA LYS A 11 -10.71 0.76 -11.73
C LYS A 11 -9.25 0.99 -12.12
N PHE A 12 -8.48 1.58 -11.20
CA PHE A 12 -7.05 1.85 -11.45
C PHE A 12 -6.21 1.48 -10.23
N ALA A 13 -4.91 1.42 -10.45
CA ALA A 13 -3.95 1.12 -9.39
C ALA A 13 -3.05 2.35 -9.30
N PHE A 14 -2.58 2.67 -8.10
CA PHE A 14 -1.71 3.81 -7.93
C PHE A 14 -0.34 3.49 -8.52
N GLN A 15 0.37 4.55 -8.90
CA GLN A 15 1.72 4.40 -9.43
C GLN A 15 2.56 4.05 -8.21
N ALA A 16 3.62 3.26 -8.41
CA ALA A 16 4.48 2.85 -7.31
C ALA A 16 4.95 4.04 -6.47
N GLU A 17 5.37 5.12 -7.12
CA GLU A 17 5.85 6.30 -6.39
C GLU A 17 4.79 6.89 -5.47
N VAL A 18 3.53 6.89 -5.90
CA VAL A 18 2.46 7.43 -5.07
C VAL A 18 2.28 6.55 -3.84
N ASN A 19 2.30 5.22 -4.01
CA ASN A 19 2.17 4.32 -2.86
C ASN A 19 3.26 4.61 -1.83
N ARG A 20 4.49 4.80 -2.30
CA ARG A 20 5.59 5.10 -1.39
C ARG A 20 5.32 6.43 -0.69
N MET A 21 4.94 7.43 -1.49
CA MET A 21 4.65 8.77 -0.97
C MET A 21 3.58 8.74 0.12
N MET A 22 2.50 8.01 -0.10
CA MET A 22 1.44 7.94 0.90
C MET A 22 1.96 7.40 2.23
N LYS A 23 2.80 6.36 2.16
CA LYS A 23 3.36 5.78 3.38
C LYS A 23 4.28 6.77 4.08
N LEU A 24 5.15 7.42 3.32
CA LEU A 24 6.07 8.41 3.88
C LEU A 24 5.29 9.53 4.57
N ILE A 25 4.21 9.98 3.93
CA ILE A 25 3.40 11.07 4.50
C ILE A 25 2.63 10.61 5.74
N ILE A 26 2.11 9.38 5.71
CA ILE A 26 1.35 8.86 6.83
C ILE A 26 2.22 8.53 8.04
N ASN A 27 3.43 8.05 7.80
CA ASN A 27 4.34 7.69 8.88
C ASN A 27 5.06 8.87 9.55
N SER A 28 5.28 9.95 8.82
CA SER A 28 5.98 11.11 9.39
C SER A 28 5.05 12.08 10.13
N LEU A 29 3.83 12.28 9.61
CA LEU A 29 2.88 13.19 10.24
C LEU A 29 1.93 12.51 11.23
N TYR A 30 2.25 11.28 11.58
CA TYR A 30 1.41 10.50 12.50
C TYR A 30 1.10 11.24 13.80
N LYS A 31 1.95 12.18 14.20
CA LYS A 31 1.76 12.91 15.45
C LYS A 31 1.10 14.29 15.34
N ASN A 32 0.83 14.76 14.13
CA ASN A 32 0.20 16.06 13.94
C ASN A 32 -0.83 15.98 12.80
N LYS A 33 -1.80 15.10 12.99
CA LYS A 33 -2.86 14.85 12.01
C LYS A 33 -3.70 16.04 11.56
N GLU A 34 -3.97 16.98 12.45
CA GLU A 34 -4.78 18.14 12.09
C GLU A 34 -4.25 18.84 10.84
N ILE A 35 -3.00 18.57 10.50
CA ILE A 35 -2.37 19.20 9.36
C ILE A 35 -3.06 18.87 8.04
N PHE A 36 -3.91 17.84 8.07
CA PHE A 36 -4.61 17.46 6.86
C PHE A 36 -5.52 18.61 6.46
N LEU A 37 -6.15 19.24 7.44
CA LEU A 37 -7.06 20.34 7.13
C LEU A 37 -6.33 21.51 6.49
N ARG A 38 -5.08 21.75 6.89
CA ARG A 38 -4.29 22.83 6.34
C ARG A 38 -4.00 22.60 4.86
N GLU A 39 -3.73 21.34 4.52
CA GLU A 39 -3.43 20.98 3.14
C GLU A 39 -4.65 21.02 2.23
N LEU A 40 -5.79 20.58 2.75
CA LEU A 40 -7.03 20.63 1.96
C LEU A 40 -7.40 22.08 1.64
N ILE A 41 -7.24 22.97 2.62
CA ILE A 41 -7.54 24.38 2.43
C ILE A 41 -6.55 25.05 1.49
N SER A 42 -5.29 24.62 1.56
CA SER A 42 -4.24 25.18 0.72
C SER A 42 -4.43 24.77 -0.72
N ASN A 43 -4.81 23.52 -0.94
CA ASN A 43 -5.06 23.02 -2.28
C ASN A 43 -6.33 23.70 -2.79
N ALA A 44 -7.27 23.93 -1.90
CA ALA A 44 -8.51 24.59 -2.31
C ALA A 44 -8.08 25.93 -2.91
N SER A 45 -7.32 26.68 -2.13
CA SER A 45 -6.82 27.98 -2.52
C SER A 45 -6.10 27.96 -3.86
N ASP A 46 -5.24 26.98 -4.09
CA ASP A 46 -4.51 26.90 -5.35
C ASP A 46 -5.40 26.66 -6.56
N ALA A 47 -6.53 25.99 -6.34
CA ALA A 47 -7.47 25.70 -7.42
C ALA A 47 -8.19 27.00 -7.77
N LEU A 48 -8.45 27.82 -6.76
CA LEU A 48 -9.13 29.10 -6.97
C LEU A 48 -8.21 30.08 -7.73
N ASP A 49 -6.94 30.15 -7.37
CA ASP A 49 -5.98 31.01 -8.06
C ASP A 49 -5.96 30.63 -9.54
N LYS A 50 -6.03 29.34 -9.81
CA LYS A 50 -5.99 28.86 -11.17
C LYS A 50 -7.17 29.30 -12.03
N ILE A 51 -8.38 29.21 -11.50
CA ILE A 51 -9.55 29.60 -12.29
C ILE A 51 -9.57 31.11 -12.42
N ARG A 52 -9.05 31.79 -11.40
CA ARG A 52 -8.99 33.24 -11.40
C ARG A 52 -8.05 33.70 -12.52
N LEU A 53 -6.93 33.00 -12.68
CA LEU A 53 -5.98 33.31 -13.73
C LEU A 53 -6.61 33.09 -15.10
N ILE A 54 -7.22 31.92 -15.27
CA ILE A 54 -7.86 31.58 -16.53
C ILE A 54 -8.93 32.61 -16.85
N SER A 55 -9.64 33.09 -15.83
CA SER A 55 -10.70 34.05 -16.08
C SER A 55 -10.16 35.38 -16.60
N LEU A 56 -8.86 35.60 -16.43
CA LEU A 56 -8.24 36.83 -16.92
C LEU A 56 -8.26 36.81 -18.44
N THR A 57 -8.03 35.64 -19.02
CA THR A 57 -8.00 35.50 -20.49
C THR A 57 -9.21 34.80 -21.12
N ASP A 58 -10.22 34.48 -20.32
CA ASP A 58 -11.41 33.80 -20.81
C ASP A 58 -12.68 34.36 -20.17
N GLU A 59 -13.50 35.02 -20.99
CA GLU A 59 -14.75 35.63 -20.57
C GLU A 59 -15.78 34.66 -19.98
N ASN A 60 -15.75 33.41 -20.44
CA ASN A 60 -16.70 32.41 -19.97
C ASN A 60 -16.19 31.50 -18.85
N ALA A 61 -14.99 31.75 -18.35
CA ALA A 61 -14.41 30.92 -17.31
C ALA A 61 -15.33 30.66 -16.13
N LEU A 62 -15.88 31.72 -15.56
CA LEU A 62 -16.76 31.59 -14.41
C LEU A 62 -18.25 31.34 -14.68
N ALA A 63 -18.59 30.96 -15.91
CA ALA A 63 -20.00 30.72 -16.26
C ALA A 63 -20.66 29.61 -15.43
N GLY A 64 -19.93 28.52 -15.17
CA GLY A 64 -20.47 27.42 -14.41
C GLY A 64 -20.81 27.71 -12.95
N ASN A 65 -20.16 28.72 -12.38
CA ASN A 65 -20.39 29.09 -10.98
C ASN A 65 -19.68 30.42 -10.78
N GLU A 66 -20.44 31.47 -10.50
CA GLU A 66 -19.87 32.81 -10.35
C GLU A 66 -19.06 33.10 -9.09
N GLU A 67 -19.07 32.21 -8.11
CA GLU A 67 -18.31 32.51 -6.90
C GLU A 67 -16.94 31.85 -6.78
N LEU A 68 -16.10 32.40 -5.91
CA LEU A 68 -14.75 31.89 -5.66
C LEU A 68 -14.66 31.69 -4.15
N THR A 69 -15.02 30.50 -3.68
CA THR A 69 -14.99 30.22 -2.25
C THR A 69 -14.64 28.80 -1.87
N VAL A 70 -14.58 28.59 -0.56
CA VAL A 70 -14.29 27.30 0.04
C VAL A 70 -15.35 27.13 1.11
N LYS A 71 -16.11 26.05 1.01
CA LYS A 71 -17.16 25.77 1.98
C LYS A 71 -16.95 24.42 2.64
N ILE A 72 -16.81 24.45 3.96
CA ILE A 72 -16.58 23.25 4.74
C ILE A 72 -17.85 22.87 5.49
N LYS A 73 -18.21 21.58 5.41
CA LYS A 73 -19.42 21.07 6.01
C LYS A 73 -19.23 19.78 6.79
N CYS A 74 -19.71 19.76 8.03
CA CYS A 74 -19.60 18.58 8.89
C CYS A 74 -20.89 17.78 8.90
N ASP A 75 -20.84 16.51 8.47
CA ASP A 75 -22.02 15.67 8.50
C ASP A 75 -21.78 14.62 9.58
N LYS A 76 -22.04 14.98 10.83
CA LYS A 76 -21.82 14.07 11.97
C LYS A 76 -22.52 12.72 11.80
N GLU A 77 -23.83 12.76 11.58
CA GLU A 77 -24.62 11.55 11.41
C GLU A 77 -24.03 10.55 10.41
N LYS A 78 -23.55 11.06 9.28
CA LYS A 78 -22.98 10.21 8.24
C LYS A 78 -21.48 9.99 8.40
N ASN A 79 -20.90 10.66 9.39
CA ASN A 79 -19.47 10.56 9.68
C ASN A 79 -18.64 11.09 8.50
N LEU A 80 -19.08 12.18 7.90
CA LEU A 80 -18.39 12.74 6.75
C LEU A 80 -17.94 14.18 6.91
N LEU A 81 -16.81 14.51 6.32
CA LEU A 81 -16.30 15.87 6.34
C LEU A 81 -16.20 16.25 4.88
N HIS A 82 -16.76 17.40 4.52
CA HIS A 82 -16.76 17.90 3.14
C HIS A 82 -16.00 19.23 3.02
N VAL A 83 -15.13 19.33 2.01
CA VAL A 83 -14.40 20.57 1.75
C VAL A 83 -14.63 20.91 0.27
N THR A 84 -15.43 21.94 0.01
CA THR A 84 -15.77 22.33 -1.36
C THR A 84 -15.22 23.69 -1.81
N ASP A 85 -14.55 23.72 -2.95
CA ASP A 85 -14.04 24.98 -3.49
C ASP A 85 -14.63 25.12 -4.90
N THR A 86 -14.62 26.35 -5.42
CA THR A 86 -15.14 26.62 -6.76
C THR A 86 -14.01 26.98 -7.73
N GLY A 87 -12.89 26.26 -7.61
CA GLY A 87 -11.75 26.50 -8.48
C GLY A 87 -11.89 25.91 -9.88
N VAL A 88 -10.76 25.77 -10.57
CA VAL A 88 -10.74 25.26 -11.94
C VAL A 88 -11.35 23.86 -12.10
N GLY A 89 -11.34 23.07 -11.03
CA GLY A 89 -11.89 21.73 -11.10
C GLY A 89 -10.94 20.79 -11.83
N MET A 90 -11.37 19.54 -12.07
CA MET A 90 -10.54 18.56 -12.77
C MET A 90 -11.34 17.71 -13.78
N THR A 91 -10.78 17.46 -14.96
CA THR A 91 -11.47 16.62 -15.92
C THR A 91 -11.28 15.17 -15.45
N ARG A 92 -11.90 14.22 -16.14
CA ARG A 92 -11.75 12.82 -15.78
C ARG A 92 -10.29 12.42 -15.88
N GLU A 93 -9.64 12.85 -16.96
CA GLU A 93 -8.23 12.55 -17.18
C GLU A 93 -7.31 13.16 -16.11
N GLU A 94 -7.69 14.32 -15.59
CA GLU A 94 -6.88 15.00 -14.57
C GLU A 94 -7.02 14.38 -13.18
N LEU A 95 -8.19 13.80 -12.89
CA LEU A 95 -8.40 13.14 -11.60
C LEU A 95 -7.45 11.94 -11.57
N VAL A 96 -7.50 11.15 -12.64
CA VAL A 96 -6.68 9.96 -12.78
C VAL A 96 -5.20 10.29 -12.74
N LYS A 97 -4.78 11.33 -13.47
CA LYS A 97 -3.38 11.70 -13.52
C LYS A 97 -2.83 12.41 -12.28
N ASN A 98 -3.53 13.45 -11.81
CA ASN A 98 -3.06 14.20 -10.64
C ASN A 98 -3.09 13.43 -9.34
N LEU A 99 -4.05 12.53 -9.19
CA LEU A 99 -4.18 11.79 -7.94
C LEU A 99 -3.63 10.36 -7.94
N GLY A 100 -3.49 9.76 -9.12
CA GLY A 100 -2.99 8.39 -9.20
C GLY A 100 -1.56 8.23 -9.70
N THR A 101 -0.94 9.34 -10.09
CA THR A 101 0.45 9.33 -10.57
C THR A 101 1.15 10.57 -9.99
N ILE A 102 2.48 10.58 -10.01
CA ILE A 102 3.23 11.72 -9.48
C ILE A 102 4.28 12.21 -10.46
N LYS A 104 5.71 14.94 -11.51
CA LYS A 104 6.29 16.23 -11.18
C LYS A 104 7.79 16.23 -11.43
N GLY A 106 10.55 16.70 -9.87
CA GLY A 106 11.60 16.41 -8.90
C GLY A 106 11.13 15.45 -7.83
N THR A 107 10.25 14.53 -8.20
CA THR A 107 9.70 13.56 -7.26
C THR A 107 10.79 12.68 -6.66
N SER A 108 11.67 12.19 -7.53
CA SER A 108 12.77 11.32 -7.12
C SER A 108 13.46 11.83 -5.86
N GLU A 109 13.94 13.07 -5.92
CA GLU A 109 14.63 13.69 -4.79
C GLU A 109 13.73 13.94 -3.58
N PHE A 110 12.51 14.41 -3.84
CA PHE A 110 11.56 14.68 -2.77
C PHE A 110 11.37 13.45 -1.88
N LEU A 111 11.19 12.29 -2.52
CA LEU A 111 11.01 11.04 -1.78
C LEU A 111 12.25 10.78 -0.92
N ASN A 112 13.42 10.99 -1.51
CA ASN A 112 14.68 10.79 -0.82
C ASN A 112 14.81 11.79 0.33
N LYS A 113 14.33 13.01 0.09
CA LYS A 113 14.39 14.05 1.12
C LYS A 113 13.42 13.72 2.25
N MET A 114 12.24 13.22 1.90
CA MET A 114 11.25 12.86 2.90
C MET A 114 11.83 11.78 3.80
N THR A 115 12.41 10.77 3.17
CA THR A 115 13.01 9.66 3.91
C THR A 115 14.16 10.16 4.78
N GLU A 116 15.07 10.92 4.19
CA GLU A 116 16.20 11.46 4.92
C GLU A 116 15.74 12.52 5.91
N SER A 123 11.34 17.36 10.50
CA SER A 123 9.92 17.54 10.19
C SER A 123 9.67 17.42 8.70
N THR A 124 8.51 16.90 8.33
CA THR A 124 8.14 16.74 6.92
C THR A 124 6.98 17.66 6.58
N SER A 125 6.37 18.24 7.61
CA SER A 125 5.25 19.15 7.46
C SER A 125 5.48 20.20 6.36
N GLU A 126 6.57 20.94 6.43
CA GLU A 126 6.87 21.96 5.44
C GLU A 126 7.13 21.36 4.07
N LEU A 127 7.96 20.31 4.03
CA LEU A 127 8.29 19.64 2.79
C LEU A 127 7.06 19.27 1.97
N ILE A 128 6.10 18.62 2.61
CA ILE A 128 4.88 18.22 1.92
C ILE A 128 4.17 19.45 1.36
N GLY A 129 4.15 20.53 2.14
CA GLY A 129 3.52 21.75 1.68
C GLY A 129 4.28 22.33 0.50
N GLN A 130 5.59 22.22 0.53
CA GLN A 130 6.43 22.74 -0.54
C GLN A 130 6.31 22.02 -1.88
N PHE A 131 6.13 20.71 -1.84
CA PHE A 131 6.02 19.93 -3.07
C PHE A 131 4.58 19.91 -3.58
N GLY A 132 3.63 20.25 -2.73
CA GLY A 132 2.24 20.26 -3.12
C GLY A 132 1.53 18.92 -3.10
N VAL A 133 2.04 17.97 -2.31
CA VAL A 133 1.44 16.64 -2.24
C VAL A 133 0.69 16.39 -0.93
N GLY A 134 0.17 17.45 -0.34
CA GLY A 134 -0.55 17.35 0.93
C GLY A 134 -1.88 16.62 0.90
N PHE A 135 -2.43 16.46 -0.31
CA PHE A 135 -3.71 15.77 -0.49
C PHE A 135 -3.71 14.44 0.23
N TYR A 136 -2.63 13.67 0.02
CA TYR A 136 -2.49 12.35 0.60
C TYR A 136 -2.52 12.31 2.13
N SER A 137 -2.43 13.46 2.79
CA SER A 137 -2.47 13.46 4.25
C SER A 137 -3.89 13.27 4.75
N ALA A 138 -4.86 13.22 3.84
CA ALA A 138 -6.25 13.01 4.24
C ALA A 138 -6.40 11.58 4.75
N PHE A 139 -5.48 10.71 4.35
CA PHE A 139 -5.49 9.31 4.79
C PHE A 139 -5.03 9.16 6.23
N LEU A 140 -4.53 10.25 6.83
CA LEU A 140 -4.11 10.20 8.24
C LEU A 140 -5.34 10.11 9.12
N VAL A 141 -6.44 10.71 8.64
CA VAL A 141 -7.69 10.72 9.40
C VAL A 141 -8.87 10.09 8.67
N ALA A 142 -8.65 9.59 7.46
CA ALA A 142 -9.75 9.01 6.70
C ALA A 142 -9.55 7.59 6.20
N ASP A 143 -10.58 6.77 6.35
CA ASP A 143 -10.53 5.37 5.89
C ASP A 143 -10.76 5.31 4.38
N LYS A 144 -11.52 6.28 3.87
CA LYS A 144 -11.82 6.38 2.45
C LYS A 144 -11.87 7.87 2.10
N VAL A 145 -11.37 8.21 0.91
CA VAL A 145 -11.36 9.60 0.48
C VAL A 145 -12.05 9.70 -0.88
N ILE A 146 -13.01 10.61 -0.98
CA ILE A 146 -13.77 10.79 -2.21
C ILE A 146 -13.57 12.18 -2.79
N VAL A 147 -13.33 12.25 -4.10
CA VAL A 147 -13.12 13.53 -4.78
C VAL A 147 -14.10 13.74 -5.93
N THR A 148 -15.07 14.62 -5.73
CA THR A 148 -16.04 14.92 -6.78
C THR A 148 -15.55 16.20 -7.45
N SER A 149 -15.48 16.23 -8.77
CA SER A 149 -14.97 17.43 -9.44
C SER A 149 -15.61 17.72 -10.81
N LYS A 150 -15.80 19.01 -11.10
CA LYS A 150 -16.38 19.46 -12.35
C LYS A 150 -15.52 20.54 -12.99
N HIS A 151 -14.89 20.21 -14.13
CA HIS A 151 -14.02 21.13 -14.88
C HIS A 151 -14.80 21.64 -16.09
N ASN A 152 -14.51 22.86 -16.54
CA ASN A 152 -15.24 23.43 -17.67
C ASN A 152 -15.24 22.55 -18.92
N ASN A 153 -14.14 21.85 -19.17
CA ASN A 153 -14.03 21.01 -20.35
C ASN A 153 -14.57 19.59 -20.21
N ASP A 154 -15.32 19.30 -19.16
CA ASP A 154 -15.82 17.94 -19.01
C ASP A 154 -17.04 17.86 -18.08
N THR A 155 -17.64 16.66 -18.01
CA THR A 155 -18.78 16.44 -17.13
C THR A 155 -18.25 16.08 -15.74
N GLN A 156 -19.12 16.19 -14.74
CA GLN A 156 -18.76 15.88 -13.36
C GLN A 156 -18.44 14.41 -13.19
N HIS A 157 -17.33 14.14 -12.49
CA HIS A 157 -16.88 12.77 -12.21
C HIS A 157 -16.59 12.62 -10.73
N ILE A 158 -16.42 11.37 -10.29
CA ILE A 158 -16.13 11.07 -8.90
C ILE A 158 -14.98 10.10 -8.84
N TRP A 159 -13.98 10.42 -8.04
CA TRP A 159 -12.78 9.60 -7.81
C TRP A 159 -12.92 9.09 -6.37
N GLU A 160 -12.62 7.81 -6.14
CA GLU A 160 -12.73 7.30 -4.76
C GLU A 160 -11.61 6.32 -4.46
N SER A 161 -11.18 6.29 -3.20
CA SER A 161 -10.10 5.41 -2.79
C SER A 161 -9.98 5.12 -1.29
N ASP A 162 -9.50 3.91 -0.99
CA ASP A 162 -9.28 3.50 0.39
C ASP A 162 -7.77 3.37 0.54
N SER A 163 -7.06 3.83 -0.49
CA SER A 163 -5.60 3.84 -0.59
C SER A 163 -5.02 2.57 -1.23
N ASN A 164 -5.85 1.53 -1.38
CA ASN A 164 -5.37 0.29 -1.99
C ASN A 164 -5.65 0.22 -3.47
N GLU A 165 -6.35 1.22 -3.98
CA GLU A 165 -6.70 1.33 -5.40
C GLU A 165 -7.63 2.53 -5.48
N PHE A 166 -8.02 2.90 -6.69
CA PHE A 166 -8.96 3.99 -6.87
C PHE A 166 -9.76 3.75 -8.14
N SER A 167 -10.92 4.37 -8.23
CA SER A 167 -11.75 4.21 -9.40
C SER A 167 -12.35 5.57 -9.70
N VAL A 168 -12.65 5.79 -10.97
CA VAL A 168 -13.24 7.05 -11.41
C VAL A 168 -14.52 6.74 -12.16
N ILE A 169 -15.61 7.36 -11.77
CA ILE A 169 -16.88 7.14 -12.44
C ILE A 169 -17.58 8.44 -12.77
N ALA A 170 -18.44 8.41 -13.78
CA ALA A 170 -19.21 9.60 -14.15
C ALA A 170 -20.18 9.82 -12.99
N ASP A 171 -20.34 11.07 -12.57
CA ASP A 171 -21.23 11.36 -11.45
C ASP A 171 -22.70 11.25 -11.89
N PRO A 172 -23.38 10.17 -11.44
CA PRO A 172 -24.79 9.94 -11.79
C PRO A 172 -25.72 11.07 -11.39
N ARG A 173 -25.26 11.96 -10.51
CA ARG A 173 -26.09 13.08 -10.07
C ARG A 173 -25.99 14.25 -11.03
N GLY A 174 -25.13 14.12 -12.03
CA GLY A 174 -24.96 15.18 -12.99
C GLY A 174 -24.15 16.34 -12.44
N ASN A 175 -24.23 17.48 -13.13
CA ASN A 175 -23.51 18.66 -12.71
C ASN A 175 -24.20 19.34 -11.53
N THR A 176 -23.69 19.13 -10.33
CA THR A 176 -24.29 19.76 -9.14
C THR A 176 -23.35 20.80 -8.61
N LEU A 177 -22.07 20.69 -8.97
CA LEU A 177 -21.06 21.64 -8.52
C LEU A 177 -21.02 22.89 -9.39
N GLY A 178 -21.34 22.75 -10.68
CA GLY A 178 -21.27 23.91 -11.57
C GLY A 178 -19.85 23.95 -12.05
N ARG A 179 -18.92 24.11 -11.11
CA ARG A 179 -17.50 24.12 -11.39
C ARG A 179 -16.83 23.98 -10.04
N GLY A 180 -15.77 23.17 -9.96
CA GLY A 180 -15.10 23.04 -8.69
C GLY A 180 -14.80 21.63 -8.22
N THR A 181 -14.50 21.52 -6.92
CA THR A 181 -14.15 20.24 -6.33
C THR A 181 -14.63 20.05 -4.90
N THR A 182 -15.13 18.87 -4.60
CA THR A 182 -15.55 18.56 -3.24
C THR A 182 -14.69 17.39 -2.81
N ILE A 183 -14.00 17.56 -1.68
CA ILE A 183 -13.17 16.50 -1.12
C ILE A 183 -14.01 15.95 0.03
N THR A 184 -14.37 14.68 -0.03
CA THR A 184 -15.19 14.08 1.03
C THR A 184 -14.41 13.00 1.77
N LEU A 185 -14.33 13.14 3.09
CA LEU A 185 -13.58 12.18 3.90
C LEU A 185 -14.49 11.32 4.79
N VAL A 186 -14.32 10.01 4.72
CA VAL A 186 -15.06 9.10 5.57
C VAL A 186 -14.13 8.94 6.78
N LEU A 187 -14.36 9.76 7.80
CA LEU A 187 -13.50 9.77 9.00
C LEU A 187 -13.37 8.47 9.77
N LYS A 188 -12.13 8.15 10.13
CA LYS A 188 -11.85 6.96 10.92
C LYS A 188 -12.55 7.16 12.27
N GLU A 189 -12.92 6.06 12.91
CA GLU A 189 -13.58 6.12 14.22
C GLU A 189 -12.86 7.03 15.23
N GLU A 190 -11.53 6.97 15.28
CA GLU A 190 -10.77 7.80 16.22
C GLU A 190 -10.54 9.23 15.73
N ALA A 191 -11.01 9.55 14.52
CA ALA A 191 -10.85 10.88 13.96
C ALA A 191 -12.17 11.64 14.08
N SER A 192 -13.13 11.02 14.77
CA SER A 192 -14.46 11.57 14.99
C SER A 192 -14.50 12.97 15.58
N ASP A 193 -13.41 13.37 16.23
CA ASP A 193 -13.34 14.69 16.84
C ASP A 193 -13.49 15.81 15.80
N TYR A 194 -13.09 15.53 14.57
CA TYR A 194 -13.17 16.52 13.50
C TYR A 194 -14.58 16.74 12.96
N LEU A 195 -15.58 16.21 13.67
CA LEU A 195 -16.98 16.37 13.26
C LEU A 195 -17.65 17.42 14.14
N GLU A 196 -16.92 17.89 15.14
CA GLU A 196 -17.44 18.88 16.07
C GLU A 196 -17.25 20.26 15.47
N LEU A 197 -18.31 21.07 15.48
CA LEU A 197 -18.22 22.43 14.95
C LEU A 197 -17.12 23.22 15.63
N ASP A 198 -17.05 23.13 16.95
CA ASP A 198 -16.04 23.85 17.71
C ASP A 198 -14.63 23.61 17.16
N THR A 199 -14.26 22.34 17.03
CA THR A 199 -12.95 21.94 16.53
C THR A 199 -12.64 22.38 15.10
N ILE A 200 -13.54 22.09 14.17
CA ILE A 200 -13.30 22.48 12.78
C ILE A 200 -13.25 24.00 12.64
N LYS A 201 -14.14 24.70 13.35
CA LYS A 201 -14.15 26.15 13.27
C LYS A 201 -12.80 26.67 13.72
N ASN A 202 -12.30 26.08 14.80
CA ASN A 202 -11.03 26.46 15.37
C ASN A 202 -9.88 26.24 14.39
N LEU A 203 -9.74 25.03 13.88
CA LEU A 203 -8.68 24.70 12.93
C LEU A 203 -8.76 25.53 11.64
N VAL A 204 -9.98 25.70 11.13
CA VAL A 204 -10.18 26.46 9.89
C VAL A 204 -9.72 27.91 10.06
N LYS A 205 -10.06 28.50 11.20
CA LYS A 205 -9.69 29.88 11.48
C LYS A 205 -8.18 30.03 11.54
N LYS A 206 -7.49 28.96 11.93
CA LYS A 206 -6.04 29.00 12.03
C LYS A 206 -5.33 28.86 10.68
N TYR A 207 -5.80 27.91 9.88
CA TYR A 207 -5.18 27.66 8.57
C TYR A 207 -5.76 28.51 7.44
N SER A 208 -6.64 29.45 7.77
CA SER A 208 -7.26 30.31 6.75
C SER A 208 -6.89 31.77 6.90
N GLN A 209 -6.19 32.10 7.98
CA GLN A 209 -5.80 33.47 8.25
C GLN A 209 -5.17 34.16 7.03
N PHE A 210 -4.44 33.40 6.23
CA PHE A 210 -3.75 33.99 5.08
C PHE A 210 -4.21 33.53 3.70
N ILE A 211 -5.39 32.93 3.62
CA ILE A 211 -5.93 32.47 2.35
C ILE A 211 -6.68 33.64 1.71
N ASN A 212 -6.28 34.00 0.49
CA ASN A 212 -6.89 35.12 -0.23
C ASN A 212 -8.37 34.96 -0.56
N PHE A 213 -8.94 33.77 -0.41
CA PHE A 213 -10.36 33.58 -0.72
C PHE A 213 -11.16 33.37 0.56
N PRO A 214 -12.45 33.74 0.54
CA PRO A 214 -13.25 33.55 1.75
C PRO A 214 -13.59 32.08 2.01
N ILE A 215 -13.39 31.65 3.26
CA ILE A 215 -13.65 30.28 3.67
C ILE A 215 -14.82 30.23 4.67
N TYR A 216 -15.81 29.40 4.35
CA TYR A 216 -16.98 29.26 5.19
C TYR A 216 -17.12 27.89 5.83
N VAL A 217 -17.73 27.87 7.02
CA VAL A 217 -18.00 26.64 7.74
C VAL A 217 -19.52 26.63 7.99
N TRP A 218 -20.19 25.58 7.55
CA TRP A 218 -21.63 25.47 7.76
C TRP A 218 -21.81 25.26 9.27
N SER A 219 -22.33 26.26 9.96
CA SER A 219 -22.50 26.15 11.41
C SER A 219 -23.84 26.61 11.95
N SER A 220 -24.06 26.34 13.22
CA SER A 220 -25.31 26.71 13.89
C SER A 220 -25.17 27.90 14.83
N LYS A 221 -26.27 28.64 14.99
CA LYS A 221 -26.33 29.80 15.86
C LYS A 221 -27.69 29.80 16.55
N THR A 222 -27.76 30.41 17.73
CA THR A 222 -29.00 30.45 18.49
C THR A 222 -29.73 31.77 18.31
N LYS A 227 -34.00 29.78 19.02
CA LYS A 227 -33.98 28.54 18.23
C LYS A 227 -32.58 28.30 17.65
N THR A 228 -32.43 27.16 16.99
CA THR A 228 -31.15 26.80 16.38
C THR A 228 -31.24 26.85 14.85
N VAL A 229 -30.46 27.74 14.25
CA VAL A 229 -30.46 27.90 12.80
C VAL A 229 -29.07 27.62 12.23
N TRP A 230 -29.02 27.07 11.02
CA TRP A 230 -27.77 26.76 10.36
C TRP A 230 -27.50 27.70 9.19
N ASP A 231 -26.23 28.08 9.02
CA ASP A 231 -25.86 28.99 7.93
C ASP A 231 -24.35 29.14 7.76
N TRP A 232 -23.93 29.65 6.60
CA TRP A 232 -22.52 29.85 6.33
C TRP A 232 -21.88 30.93 7.20
N GLU A 233 -20.84 30.55 7.94
CA GLU A 233 -20.13 31.49 8.80
C GLU A 233 -18.73 31.71 8.24
N LEU A 234 -18.39 32.97 7.96
CA LEU A 234 -17.08 33.30 7.43
C LEU A 234 -16.02 33.16 8.54
N MET A 235 -14.94 32.43 8.23
CA MET A 235 -13.88 32.18 9.21
C MET A 235 -12.59 32.98 9.00
N ASN A 236 -12.43 33.60 7.84
CA ASN A 236 -11.21 34.35 7.57
C ASN A 236 -11.49 35.74 7.01
N GLU B 10 7.21 -5.68 -17.80
CA GLU B 10 7.96 -6.30 -16.67
C GLU B 10 7.54 -5.76 -15.32
N LYS B 11 6.94 -4.57 -15.30
CA LYS B 11 6.50 -3.94 -14.07
C LYS B 11 4.99 -4.07 -13.90
N PHE B 12 4.56 -4.56 -12.74
CA PHE B 12 3.16 -4.76 -12.44
C PHE B 12 2.79 -4.10 -11.12
N ALA B 13 1.49 -4.05 -10.87
CA ALA B 13 0.92 -3.50 -9.65
C ALA B 13 0.15 -4.64 -9.02
N PHE B 14 0.05 -4.63 -7.69
CA PHE B 14 -0.72 -5.67 -7.01
C PHE B 14 -2.20 -5.43 -7.20
N GLN B 15 -2.98 -6.49 -7.02
CA GLN B 15 -4.42 -6.43 -7.13
C GLN B 15 -4.84 -5.72 -5.82
N ALA B 16 -5.95 -4.98 -5.86
CA ALA B 16 -6.39 -4.26 -4.67
C ALA B 16 -6.49 -5.14 -3.42
N GLU B 17 -7.20 -6.26 -3.52
CA GLU B 17 -7.38 -7.16 -2.39
C GLU B 17 -6.06 -7.66 -1.80
N VAL B 18 -5.01 -7.72 -2.62
CA VAL B 18 -3.72 -8.17 -2.12
C VAL B 18 -3.08 -7.08 -1.28
N ASN B 19 -3.23 -5.81 -1.68
CA ASN B 19 -2.69 -4.70 -0.91
C ASN B 19 -3.38 -4.73 0.46
N ARG B 20 -4.70 -4.94 0.44
CA ARG B 20 -5.47 -4.99 1.68
C ARG B 20 -4.98 -6.16 2.54
N MET B 21 -4.80 -7.32 1.91
CA MET B 21 -4.36 -8.50 2.63
C MET B 21 -2.98 -8.27 3.28
N MET B 22 -2.05 -7.66 2.54
CA MET B 22 -0.72 -7.40 3.12
C MET B 22 -0.84 -6.53 4.37
N LYS B 23 -1.70 -5.51 4.31
CA LYS B 23 -1.87 -4.63 5.46
C LYS B 23 -2.45 -5.34 6.67
N LEU B 24 -3.47 -6.16 6.44
CA LEU B 24 -4.09 -6.89 7.53
C LEU B 24 -3.06 -7.81 8.19
N ILE B 25 -2.34 -8.57 7.38
CA ILE B 25 -1.33 -9.49 7.90
C ILE B 25 -0.26 -8.76 8.71
N ILE B 26 0.29 -7.70 8.15
CA ILE B 26 1.33 -6.94 8.83
C ILE B 26 0.87 -6.32 10.13
N ASN B 27 -0.33 -5.75 10.13
CA ASN B 27 -0.86 -5.12 11.33
C ASN B 27 -1.32 -6.07 12.44
N SER B 28 -1.72 -7.29 12.09
CA SER B 28 -2.18 -8.25 13.10
C SER B 28 -1.11 -9.25 13.59
N LEU B 29 0.11 -9.16 13.06
CA LEU B 29 1.19 -10.07 13.49
C LEU B 29 2.45 -9.35 13.94
N TYR B 30 2.42 -8.03 13.99
CA TYR B 30 3.60 -7.27 14.41
C TYR B 30 4.10 -7.72 15.78
N LYS B 31 3.28 -8.45 16.51
CA LYS B 31 3.66 -8.91 17.84
C LYS B 31 4.30 -10.30 17.87
N ASN B 32 4.25 -11.01 16.74
CA ASN B 32 4.85 -12.34 16.67
C ASN B 32 5.46 -12.54 15.28
N LYS B 33 6.36 -11.62 14.91
CA LYS B 33 7.01 -11.63 13.60
C LYS B 33 7.71 -12.94 13.21
N GLU B 34 8.28 -13.66 14.17
CA GLU B 34 8.99 -14.89 13.84
C GLU B 34 8.15 -15.85 12.99
N ILE B 35 6.84 -15.63 12.96
CA ILE B 35 5.93 -16.47 12.19
C ILE B 35 6.26 -16.47 10.71
N PHE B 36 6.94 -15.42 10.23
CA PHE B 36 7.28 -15.37 8.83
C PHE B 36 8.07 -16.61 8.46
N LEU B 37 8.94 -17.05 9.36
CA LEU B 37 9.76 -18.21 9.08
C LEU B 37 8.93 -19.49 9.01
N ARG B 38 7.88 -19.56 9.82
CA ARG B 38 7.01 -20.74 9.80
C ARG B 38 6.31 -20.82 8.45
N GLU B 39 5.86 -19.67 7.97
CA GLU B 39 5.15 -19.59 6.70
C GLU B 39 6.01 -19.94 5.51
N LEU B 40 7.26 -19.48 5.52
CA LEU B 40 8.18 -19.76 4.42
C LEU B 40 8.48 -21.26 4.34
N ILE B 41 8.76 -21.87 5.50
CA ILE B 41 9.05 -23.30 5.54
C ILE B 41 7.81 -24.11 5.15
N SER B 42 6.64 -23.58 5.52
CA SER B 42 5.39 -24.26 5.23
C SER B 42 5.10 -24.21 3.73
N ASN B 43 5.40 -23.07 3.09
CA ASN B 43 5.19 -22.94 1.64
C ASN B 43 6.22 -23.81 0.92
N ALA B 44 7.42 -23.87 1.47
CA ALA B 44 8.45 -24.71 0.88
C ALA B 44 7.95 -26.17 0.86
N SER B 45 7.36 -26.61 1.98
CA SER B 45 6.86 -27.98 2.08
C SER B 45 5.72 -28.26 1.09
N ASP B 46 4.84 -27.30 0.88
CA ASP B 46 3.73 -27.49 -0.05
C ASP B 46 4.26 -27.67 -1.47
N ALA B 47 5.26 -26.88 -1.82
CA ALA B 47 5.85 -26.94 -3.15
C ALA B 47 6.54 -28.28 -3.34
N LEU B 48 7.09 -28.80 -2.24
CA LEU B 48 7.77 -30.08 -2.33
C LEU B 48 6.76 -31.21 -2.49
N ASP B 49 5.59 -31.06 -1.88
CA ASP B 49 4.56 -32.09 -2.00
C ASP B 49 4.04 -32.10 -3.44
N LYS B 50 3.90 -30.92 -4.03
CA LYS B 50 3.40 -30.82 -5.39
C LYS B 50 4.25 -31.57 -6.42
N ILE B 51 5.56 -31.32 -6.42
CA ILE B 51 6.41 -31.99 -7.38
C ILE B 51 6.45 -33.50 -7.11
N ARG B 52 6.20 -33.88 -5.86
CA ARG B 52 6.18 -35.28 -5.50
C ARG B 52 4.95 -35.91 -6.12
N LEU B 53 3.82 -35.20 -6.06
CA LEU B 53 2.60 -35.69 -6.66
C LEU B 53 2.76 -35.81 -8.17
N ILE B 54 3.40 -34.81 -8.77
CA ILE B 54 3.62 -34.82 -10.20
C ILE B 54 4.58 -35.96 -10.59
N SER B 55 5.52 -36.29 -9.72
CA SER B 55 6.47 -37.34 -10.02
C SER B 55 5.85 -38.74 -10.00
N LEU B 56 4.57 -38.82 -9.63
CA LEU B 56 3.86 -40.11 -9.59
C LEU B 56 3.40 -40.43 -11.00
N THR B 57 3.02 -39.40 -11.74
CA THR B 57 2.54 -39.55 -13.10
C THR B 57 3.58 -39.17 -14.15
N ASP B 58 4.41 -38.17 -13.82
CA ASP B 58 5.47 -37.69 -14.73
C ASP B 58 6.81 -38.35 -14.40
N GLU B 59 7.32 -39.17 -15.30
CA GLU B 59 8.59 -39.87 -15.08
C GLU B 59 9.82 -38.95 -15.12
N ASN B 60 9.71 -37.83 -15.81
CA ASN B 60 10.82 -36.89 -15.93
C ASN B 60 10.75 -35.74 -14.92
N ALA B 61 9.79 -35.81 -14.01
CA ALA B 61 9.58 -34.77 -13.01
C ALA B 61 10.82 -34.26 -12.30
N LEU B 62 11.61 -35.15 -11.73
CA LEU B 62 12.80 -34.73 -10.98
C LEU B 62 14.13 -34.58 -11.74
N ALA B 63 14.10 -34.73 -13.06
CA ALA B 63 15.31 -34.63 -13.88
C ALA B 63 16.11 -33.32 -13.71
N GLY B 64 15.43 -32.25 -13.32
CA GLY B 64 16.11 -30.98 -13.16
C GLY B 64 16.89 -30.84 -11.86
N ASN B 65 16.53 -31.65 -10.87
CA ASN B 65 17.19 -31.62 -9.57
C ASN B 65 16.58 -32.80 -8.81
N GLU B 66 17.39 -33.81 -8.54
CA GLU B 66 16.93 -35.03 -7.86
C GLU B 66 16.47 -34.90 -6.41
N GLU B 67 17.09 -34.02 -5.64
CA GLU B 67 16.73 -33.86 -4.24
C GLU B 67 15.39 -33.17 -4.00
N LEU B 68 14.86 -33.36 -2.81
CA LEU B 68 13.61 -32.76 -2.36
C LEU B 68 14.01 -32.21 -1.00
N THR B 69 14.49 -30.98 -0.98
CA THR B 69 14.98 -30.38 0.25
C THR B 69 14.68 -28.89 0.43
N VAL B 70 14.99 -28.39 1.62
CA VAL B 70 14.85 -26.98 1.93
C VAL B 70 16.16 -26.60 2.58
N LYS B 71 16.85 -25.62 2.00
CA LYS B 71 18.14 -25.14 2.50
C LYS B 71 18.10 -23.66 2.86
N ILE B 72 18.35 -23.37 4.13
CA ILE B 72 18.32 -22.00 4.66
C ILE B 72 19.73 -21.46 4.93
N LYS B 73 20.00 -20.27 4.39
CA LYS B 73 21.30 -19.65 4.51
C LYS B 73 21.23 -18.18 4.92
N CYS B 74 22.15 -17.79 5.79
CA CYS B 74 22.23 -16.42 6.26
C CYS B 74 23.44 -15.75 5.62
N ASP B 75 23.31 -14.47 5.31
CA ASP B 75 24.42 -13.72 4.74
C ASP B 75 24.43 -12.38 5.45
N LYS B 76 25.01 -12.36 6.66
CA LYS B 76 25.08 -11.15 7.48
C LYS B 76 25.67 -9.93 6.77
N GLU B 77 26.81 -10.12 6.11
CA GLU B 77 27.44 -9.00 5.41
C GLU B 77 26.51 -8.31 4.43
N LYS B 78 25.65 -9.07 3.75
CA LYS B 78 24.73 -8.49 2.78
C LYS B 78 23.33 -8.23 3.34
N ASN B 79 23.12 -8.58 4.60
CA ASN B 79 21.82 -8.37 5.22
C ASN B 79 20.75 -9.19 4.50
N LEU B 80 21.10 -10.42 4.14
CA LEU B 80 20.16 -11.28 3.42
C LEU B 80 19.88 -12.61 4.11
N LEU B 81 18.68 -13.12 3.88
CA LEU B 81 18.28 -14.42 4.41
C LEU B 81 17.70 -15.14 3.20
N HIS B 82 18.18 -16.36 2.93
CA HIS B 82 17.70 -17.16 1.79
C HIS B 82 17.03 -18.44 2.28
N VAL B 83 15.93 -18.81 1.66
CA VAL B 83 15.22 -20.05 2.00
C VAL B 83 14.97 -20.77 0.66
N THR B 84 15.77 -21.80 0.36
CA THR B 84 15.63 -22.51 -0.92
C THR B 84 15.05 -23.91 -0.84
N ASP B 85 14.11 -24.20 -1.73
CA ASP B 85 13.48 -25.51 -1.79
C ASP B 85 13.53 -26.02 -3.22
N THR B 86 13.49 -27.34 -3.39
CA THR B 86 13.49 -27.93 -4.73
C THR B 86 12.11 -28.49 -5.07
N GLY B 87 11.09 -27.69 -4.78
CA GLY B 87 9.73 -28.08 -5.09
C GLY B 87 9.48 -27.92 -6.58
N VAL B 88 8.21 -27.78 -6.96
CA VAL B 88 7.78 -27.64 -8.35
C VAL B 88 8.17 -26.32 -9.02
N GLY B 89 8.42 -25.30 -8.22
CA GLY B 89 8.77 -24.00 -8.79
C GLY B 89 7.58 -23.32 -9.43
N MET B 90 7.81 -22.16 -10.04
CA MET B 90 6.75 -21.39 -10.68
C MET B 90 7.20 -20.80 -12.02
N THR B 91 6.30 -20.84 -13.00
CA THR B 91 6.59 -20.26 -14.31
C THR B 91 6.43 -18.73 -14.19
N ARG B 92 6.82 -18.01 -15.23
CA ARG B 92 6.70 -16.56 -15.20
C ARG B 92 5.24 -16.15 -14.97
N GLU B 93 4.32 -16.81 -15.65
CA GLU B 93 2.90 -16.49 -15.49
C GLU B 93 2.40 -16.81 -14.10
N GLU B 94 2.93 -17.86 -13.48
CA GLU B 94 2.51 -18.23 -12.12
C GLU B 94 3.05 -17.25 -11.07
N LEU B 95 4.24 -16.72 -11.30
CA LEU B 95 4.81 -15.75 -10.36
C LEU B 95 3.91 -14.52 -10.37
N VAL B 96 3.60 -14.04 -11.55
CA VAL B 96 2.74 -12.87 -11.71
C VAL B 96 1.35 -13.11 -11.13
N LYS B 97 0.77 -14.28 -11.41
CA LYS B 97 -0.57 -14.58 -10.91
C LYS B 97 -0.65 -14.95 -9.43
N ASN B 98 0.19 -15.91 -9.01
CA ASN B 98 0.20 -16.38 -7.63
C ASN B 98 0.58 -15.35 -6.58
N LEU B 99 1.50 -14.45 -6.91
CA LEU B 99 1.96 -13.47 -5.94
C LEU B 99 1.38 -12.06 -6.08
N GLY B 100 0.88 -11.73 -7.27
CA GLY B 100 0.32 -10.40 -7.48
C GLY B 100 -1.20 -10.31 -7.48
N THR B 101 -1.86 -11.46 -7.51
CA THR B 101 -3.33 -11.51 -7.50
C THR B 101 -3.75 -12.57 -6.49
N ILE B 102 -5.06 -12.70 -6.28
CA ILE B 102 -5.58 -13.70 -5.35
C ILE B 102 -6.97 -14.18 -5.76
N ALA B 103 -7.26 -15.45 -5.47
CA ALA B 103 -8.54 -16.06 -5.78
C ALA B 103 -8.90 -17.12 -4.75
N GLY B 106 -12.64 -17.89 -1.93
CA GLY B 106 -13.35 -17.24 -0.84
C GLY B 106 -12.50 -16.19 -0.13
N THR B 107 -11.90 -15.29 -0.93
CA THR B 107 -11.04 -14.24 -0.40
C THR B 107 -11.79 -13.17 0.39
N SER B 108 -12.98 -12.81 -0.08
CA SER B 108 -13.79 -11.79 0.57
C SER B 108 -13.99 -12.11 2.05
N GLU B 109 -14.45 -13.31 2.34
CA GLU B 109 -14.68 -13.74 3.72
C GLU B 109 -13.40 -13.64 4.55
N PHE B 110 -12.31 -14.20 4.02
CA PHE B 110 -11.02 -14.18 4.72
C PHE B 110 -10.65 -12.79 5.22
N LEU B 111 -10.74 -11.80 4.34
CA LEU B 111 -10.43 -10.42 4.72
C LEU B 111 -11.36 -9.97 5.83
N ASN B 112 -12.63 -10.36 5.72
CA ASN B 112 -13.62 -10.01 6.73
C ASN B 112 -13.27 -10.68 8.05
N LYS B 113 -12.86 -11.94 7.99
CA LYS B 113 -12.47 -12.67 9.19
C LYS B 113 -11.22 -12.04 9.78
N MET B 114 -10.26 -11.71 8.92
CA MET B 114 -9.02 -11.08 9.37
C MET B 114 -9.37 -9.79 10.07
N THR B 115 -10.10 -8.92 9.38
CA THR B 115 -10.51 -7.64 9.92
C THR B 115 -11.25 -7.85 11.25
N GLU B 116 -12.21 -8.76 11.23
CA GLU B 116 -12.99 -9.06 12.43
C GLU B 116 -12.09 -9.50 13.57
N ALA B 117 -11.23 -10.48 13.31
CA ALA B 117 -10.31 -10.98 14.32
C ALA B 117 -9.44 -9.85 14.87
N GLN B 118 -8.97 -8.97 13.98
CA GLN B 118 -8.13 -7.85 14.38
C GLN B 118 -8.93 -6.88 15.24
N SER B 123 -6.11 -13.73 17.49
CA SER B 123 -4.96 -14.23 16.75
C SER B 123 -5.34 -14.55 15.31
N THR B 124 -4.48 -14.16 14.37
CA THR B 124 -4.73 -14.39 12.96
C THR B 124 -3.65 -15.30 12.35
N SER B 125 -2.78 -15.83 13.20
CA SER B 125 -1.71 -16.71 12.75
C SER B 125 -2.29 -17.95 12.09
N GLU B 126 -3.30 -18.55 12.72
CA GLU B 126 -3.94 -19.75 12.18
C GLU B 126 -4.73 -19.45 10.91
N LEU B 127 -5.42 -18.31 10.89
CA LEU B 127 -6.19 -17.92 9.71
C LEU B 127 -5.32 -17.89 8.47
N ILE B 128 -4.20 -17.17 8.58
CA ILE B 128 -3.26 -17.03 7.49
C ILE B 128 -2.75 -18.37 6.98
N GLY B 129 -2.43 -19.26 7.91
CA GLY B 129 -1.95 -20.57 7.53
C GLY B 129 -3.01 -21.39 6.82
N GLN B 130 -4.23 -21.34 7.35
CA GLN B 130 -5.33 -22.11 6.77
C GLN B 130 -5.69 -21.67 5.36
N PHE B 131 -5.63 -20.37 5.11
CA PHE B 131 -5.99 -19.82 3.80
C PHE B 131 -4.83 -19.98 2.81
N GLY B 132 -3.61 -20.09 3.34
CA GLY B 132 -2.45 -20.25 2.47
C GLY B 132 -1.77 -18.97 2.01
N VAL B 133 -2.04 -17.85 2.68
CA VAL B 133 -1.43 -16.58 2.28
C VAL B 133 -0.28 -16.13 3.18
N GLY B 134 0.49 -17.09 3.70
CA GLY B 134 1.59 -16.79 4.59
C GLY B 134 2.79 -16.08 3.98
N PHE B 135 2.93 -16.16 2.67
CA PHE B 135 4.03 -15.53 1.97
C PHE B 135 4.17 -14.06 2.35
N TYR B 136 3.04 -13.37 2.33
CA TYR B 136 3.02 -11.95 2.62
C TYR B 136 3.50 -11.53 4.01
N SER B 137 3.59 -12.48 4.95
CA SER B 137 4.08 -12.13 6.28
C SER B 137 5.58 -11.89 6.23
N ALA B 138 6.16 -12.04 5.04
CA ALA B 138 7.58 -11.82 4.86
C ALA B 138 7.86 -10.31 4.96
N PHE B 139 6.85 -9.51 4.67
CA PHE B 139 6.98 -8.06 4.73
C PHE B 139 7.02 -7.54 6.17
N LEU B 140 6.86 -8.45 7.13
CA LEU B 140 6.92 -8.07 8.54
C LEU B 140 8.38 -7.84 8.93
N VAL B 141 9.30 -8.51 8.26
CA VAL B 141 10.71 -8.37 8.58
C VAL B 141 11.57 -7.95 7.41
N ALA B 142 10.97 -7.82 6.23
CA ALA B 142 11.76 -7.46 5.06
C ALA B 142 11.33 -6.17 4.36
N ASP B 143 12.32 -5.39 3.95
CA ASP B 143 12.10 -4.13 3.22
C ASP B 143 11.91 -4.48 1.75
N LYS B 144 12.33 -5.69 1.39
CA LYS B 144 12.22 -6.15 0.01
C LYS B 144 12.18 -7.68 -0.02
N VAL B 145 11.40 -8.23 -0.96
CA VAL B 145 11.29 -9.68 -1.07
C VAL B 145 11.61 -10.08 -2.50
N ILE B 146 12.52 -11.05 -2.65
CA ILE B 146 12.90 -11.52 -3.96
C ILE B 146 12.59 -13.00 -4.11
N VAL B 147 11.92 -13.36 -5.21
CA VAL B 147 11.58 -14.75 -5.46
C VAL B 147 12.16 -15.20 -6.80
N THR B 148 13.14 -16.09 -6.73
CA THR B 148 13.79 -16.65 -7.90
C THR B 148 13.24 -18.05 -8.06
N SER B 149 12.66 -18.36 -9.21
CA SER B 149 12.08 -19.68 -9.39
C SER B 149 12.34 -20.31 -10.76
N LYS B 150 12.44 -21.63 -10.76
CA LYS B 150 12.65 -22.42 -11.96
C LYS B 150 11.67 -23.58 -11.95
N HIS B 151 10.77 -23.57 -12.92
CA HIS B 151 9.74 -24.61 -13.10
C HIS B 151 10.09 -25.43 -14.35
N ASN B 152 9.86 -26.75 -14.28
CA ASN B 152 10.14 -27.65 -15.40
C ASN B 152 9.66 -27.14 -16.76
N ASN B 153 8.56 -26.39 -16.79
CA ASN B 153 8.01 -25.90 -18.06
C ASN B 153 8.46 -24.50 -18.50
N ASP B 154 9.52 -23.97 -17.89
CA ASP B 154 9.93 -22.62 -18.26
C ASP B 154 11.37 -22.34 -17.85
N THR B 155 11.84 -21.13 -18.13
CA THR B 155 13.18 -20.70 -17.78
C THR B 155 13.17 -20.02 -16.40
N GLN B 156 14.33 -19.90 -15.80
CA GLN B 156 14.42 -19.26 -14.50
C GLN B 156 14.05 -17.77 -14.59
N HIS B 157 13.19 -17.33 -13.69
CA HIS B 157 12.76 -15.92 -13.63
C HIS B 157 12.98 -15.37 -12.23
N ILE B 158 12.80 -14.07 -12.07
CA ILE B 158 12.97 -13.42 -10.77
C ILE B 158 11.84 -12.42 -10.52
N TRP B 159 11.28 -12.50 -9.31
CA TRP B 159 10.19 -11.63 -8.91
C TRP B 159 10.73 -10.81 -7.73
N GLU B 160 10.54 -9.50 -7.75
CA GLU B 160 11.04 -8.66 -6.65
C GLU B 160 10.00 -7.62 -6.29
N SER B 161 9.95 -7.24 -5.02
CA SER B 161 8.97 -6.28 -4.55
C SER B 161 9.28 -5.64 -3.19
N ASP B 162 8.94 -4.36 -3.05
CA ASP B 162 9.10 -3.66 -1.79
C ASP B 162 7.69 -3.41 -1.23
N SER B 163 6.73 -4.09 -1.85
CA SER B 163 5.30 -4.03 -1.49
C SER B 163 4.51 -2.93 -2.17
N ASN B 164 5.18 -2.03 -2.89
CA ASN B 164 4.46 -0.93 -3.55
C ASN B 164 4.24 -1.19 -5.03
N GLU B 165 4.77 -2.31 -5.50
CA GLU B 165 4.66 -2.75 -6.89
C GLU B 165 5.57 -3.98 -6.92
N PHE B 166 5.65 -4.63 -8.08
CA PHE B 166 6.53 -5.79 -8.24
C PHE B 166 6.84 -5.95 -9.71
N SER B 167 7.94 -6.64 -10.00
CA SER B 167 8.33 -6.87 -11.38
C SER B 167 8.90 -8.27 -11.54
N VAL B 168 8.83 -8.77 -12.76
CA VAL B 168 9.34 -10.09 -13.08
C VAL B 168 10.28 -9.93 -14.26
N ILE B 169 11.44 -10.59 -14.20
CA ILE B 169 12.39 -10.52 -15.29
C ILE B 169 13.04 -11.89 -15.48
N ALA B 170 13.55 -12.14 -16.69
CA ALA B 170 14.22 -13.41 -16.95
C ALA B 170 15.51 -13.32 -16.15
N ASP B 171 15.91 -14.43 -15.54
CA ASP B 171 17.12 -14.46 -14.73
C ASP B 171 18.36 -14.50 -15.63
N PRO B 172 19.14 -13.40 -15.64
CA PRO B 172 20.36 -13.30 -16.47
C PRO B 172 21.42 -14.33 -16.11
N ARG B 173 21.25 -14.99 -14.97
CA ARG B 173 22.20 -16.00 -14.54
C ARG B 173 21.86 -17.35 -15.15
N GLY B 174 20.70 -17.43 -15.80
CA GLY B 174 20.30 -18.69 -16.40
C GLY B 174 19.62 -19.61 -15.41
N ASN B 175 19.73 -20.92 -15.63
CA ASN B 175 19.10 -21.90 -14.74
C ASN B 175 20.09 -22.43 -13.73
N THR B 176 20.13 -21.81 -12.56
CA THR B 176 21.05 -22.20 -11.50
C THR B 176 20.36 -23.04 -10.43
N LEU B 177 19.03 -22.98 -10.42
CA LEU B 177 18.26 -23.74 -9.43
C LEU B 177 17.97 -25.18 -9.86
N GLY B 178 17.87 -25.40 -11.17
CA GLY B 178 17.58 -26.73 -11.68
C GLY B 178 16.08 -26.90 -11.64
N ARG B 179 15.52 -26.76 -10.44
CA ARG B 179 14.09 -26.84 -10.23
C ARG B 179 13.84 -26.35 -8.81
N GLY B 180 12.88 -25.46 -8.64
CA GLY B 180 12.59 -24.97 -7.32
C GLY B 180 12.45 -23.48 -7.13
N THR B 181 12.57 -23.06 -5.87
CA THR B 181 12.39 -21.67 -5.53
C THR B 181 13.28 -21.18 -4.41
N THR B 182 13.76 -19.96 -4.55
CA THR B 182 14.54 -19.33 -3.51
C THR B 182 13.82 -18.05 -3.15
N ILE B 183 13.51 -17.90 -1.86
CA ILE B 183 12.88 -16.70 -1.33
C ILE B 183 14.02 -15.96 -0.63
N THR B 184 14.39 -14.78 -1.13
CA THR B 184 15.47 -14.03 -0.52
C THR B 184 14.89 -12.79 0.17
N LEU B 185 15.26 -12.56 1.43
CA LEU B 185 14.74 -11.40 2.15
C LEU B 185 15.79 -10.34 2.50
N VAL B 186 15.51 -9.10 2.12
CA VAL B 186 16.39 -7.98 2.45
C VAL B 186 15.75 -7.51 3.76
N LEU B 187 16.35 -7.90 4.87
CA LEU B 187 15.82 -7.59 6.20
C LEU B 187 15.76 -6.11 6.60
N LYS B 188 14.67 -5.76 7.29
CA LYS B 188 14.51 -4.40 7.79
C LYS B 188 15.62 -4.26 8.82
N GLU B 189 16.01 -3.03 9.15
CA GLU B 189 17.08 -2.85 10.13
C GLU B 189 16.74 -3.44 11.50
N GLU B 190 15.49 -3.33 11.93
CA GLU B 190 15.09 -3.89 13.23
C GLU B 190 14.90 -5.41 13.21
N ALA B 191 15.04 -6.03 12.04
CA ALA B 191 14.89 -7.48 11.94
C ALA B 191 16.25 -8.14 11.77
N SER B 192 17.30 -7.37 12.06
CA SER B 192 18.68 -7.82 11.96
C SER B 192 19.04 -9.05 12.79
N ASP B 193 18.24 -9.31 13.82
CA ASP B 193 18.50 -10.45 14.69
C ASP B 193 18.29 -11.80 13.99
N TYR B 194 17.59 -11.81 12.88
CA TYR B 194 17.35 -13.05 12.15
C TYR B 194 18.54 -13.44 11.27
N LEU B 195 19.66 -12.72 11.43
CA LEU B 195 20.87 -13.01 10.68
C LEU B 195 21.81 -13.83 11.56
N GLU B 196 21.44 -14.00 12.82
CA GLU B 196 22.24 -14.77 13.77
C GLU B 196 21.90 -16.25 13.70
N LEU B 197 22.90 -17.07 13.37
CA LEU B 197 22.73 -18.51 13.25
C LEU B 197 22.02 -19.17 14.43
N ASP B 198 22.37 -18.76 15.65
CA ASP B 198 21.75 -19.32 16.84
C ASP B 198 20.23 -19.14 16.78
N THR B 199 19.79 -17.96 16.37
CA THR B 199 18.37 -17.65 16.29
C THR B 199 17.68 -18.40 15.14
N ILE B 200 18.29 -18.43 13.97
CA ILE B 200 17.68 -19.12 12.82
C ILE B 200 17.58 -20.61 13.08
N LYS B 201 18.65 -21.20 13.59
CA LYS B 201 18.66 -22.63 13.90
C LYS B 201 17.54 -22.98 14.88
N ASN B 202 17.34 -22.12 15.87
CA ASN B 202 16.30 -22.38 16.86
C ASN B 202 14.90 -22.30 16.26
N LEU B 203 14.66 -21.27 15.45
CA LEU B 203 13.35 -21.11 14.83
C LEU B 203 13.07 -22.18 13.79
N VAL B 204 14.08 -22.50 12.97
CA VAL B 204 13.93 -23.52 11.94
C VAL B 204 13.62 -24.86 12.58
N LYS B 205 14.34 -25.19 13.64
CA LYS B 205 14.13 -26.46 14.35
C LYS B 205 12.70 -26.57 14.87
N LYS B 206 12.19 -25.47 15.43
CA LYS B 206 10.84 -25.49 15.98
C LYS B 206 9.73 -25.61 14.91
N TYR B 207 9.87 -24.87 13.82
CA TYR B 207 8.88 -24.87 12.74
C TYR B 207 9.01 -26.01 11.73
N SER B 208 10.05 -26.83 11.86
CA SER B 208 10.29 -27.94 10.92
C SER B 208 10.00 -29.32 11.48
N GLN B 209 9.55 -29.36 12.74
CA GLN B 209 9.26 -30.62 13.40
C GLN B 209 8.28 -31.53 12.67
N PHE B 210 7.24 -30.94 12.07
CA PHE B 210 6.24 -31.74 11.38
C PHE B 210 6.26 -31.61 9.84
N ILE B 211 7.45 -31.30 9.30
CA ILE B 211 7.62 -31.17 7.85
C ILE B 211 8.27 -32.46 7.37
N ASN B 212 7.65 -33.13 6.40
CA ASN B 212 8.17 -34.40 5.89
C ASN B 212 9.28 -34.35 4.85
N PHE B 213 10.08 -33.28 4.88
CA PHE B 213 11.20 -33.13 3.96
C PHE B 213 12.38 -32.64 4.79
N PRO B 214 13.59 -33.13 4.50
CA PRO B 214 14.74 -32.69 5.28
C PRO B 214 15.01 -31.19 5.14
N ILE B 215 15.28 -30.51 6.26
CA ILE B 215 15.53 -29.07 6.22
C ILE B 215 16.93 -28.75 6.78
N TYR B 216 17.76 -28.13 5.96
CA TYR B 216 19.14 -27.79 6.34
C TYR B 216 19.39 -26.28 6.53
N VAL B 217 20.39 -25.97 7.34
CA VAL B 217 20.79 -24.60 7.59
C VAL B 217 22.30 -24.52 7.42
N TRP B 218 22.76 -23.68 6.51
CA TRP B 218 24.18 -23.53 6.29
C TRP B 218 24.79 -22.97 7.57
N SER B 219 25.62 -23.77 8.24
CA SER B 219 26.24 -23.34 9.49
C SER B 219 27.71 -23.75 9.63
N SER B 220 28.34 -23.25 10.67
CA SER B 220 29.73 -23.53 10.96
C SER B 220 29.95 -24.61 12.02
N LYS B 221 31.15 -25.16 12.06
CA LYS B 221 31.51 -26.20 13.03
C LYS B 221 33.03 -26.20 13.24
N THR B 222 33.45 -26.60 14.44
CA THR B 222 34.87 -26.66 14.79
C THR B 222 35.49 -27.99 14.34
N LYS B 227 39.89 -26.25 12.96
CA LYS B 227 39.52 -25.10 12.13
C LYS B 227 38.01 -24.93 12.05
N THR B 228 37.58 -23.84 11.43
CA THR B 228 36.16 -23.54 11.28
C THR B 228 35.70 -23.96 9.88
N VAL B 229 34.73 -24.87 9.83
CA VAL B 229 34.23 -25.33 8.54
C VAL B 229 32.73 -25.12 8.42
N TRP B 230 32.29 -24.70 7.23
CA TRP B 230 30.88 -24.47 6.97
C TRP B 230 30.28 -25.62 6.18
N ASP B 231 29.04 -25.99 6.51
CA ASP B 231 28.38 -27.08 5.83
C ASP B 231 26.91 -27.19 6.23
N TRP B 232 26.11 -27.87 5.41
CA TRP B 232 24.69 -28.04 5.68
C TRP B 232 24.45 -28.87 6.93
N GLU B 233 23.61 -28.36 7.82
CA GLU B 233 23.28 -29.06 9.06
C GLU B 233 21.78 -29.40 9.13
N LEU B 234 21.48 -30.70 9.19
CA LEU B 234 20.10 -31.18 9.25
C LEU B 234 19.44 -30.68 10.53
N MET B 235 18.20 -30.20 10.40
CA MET B 235 17.47 -29.66 11.54
C MET B 235 16.27 -30.50 12.02
N ASN B 236 15.78 -31.39 11.18
CA ASN B 236 14.64 -32.22 11.54
C ASN B 236 14.85 -33.70 11.19
#